data_3OVK
#
_entry.id   3OVK
#
_cell.length_a   43.086
_cell.length_b   116.991
_cell.length_c   49.447
_cell.angle_alpha   90.00
_cell.angle_beta   96.64
_cell.angle_gamma   90.00
#
_symmetry.space_group_name_H-M   'P 1 21 1'
#
loop_
_entity.id
_entity.type
_entity.pdbx_description
1 polymer 'AMINOPEPTIDASE P, Xaa-Pro dipeptidase'
2 water water
#
_entity_poly.entity_id   1
_entity_poly.type   'polypeptide(L)'
_entity_poly.pdbx_seq_one_letter_code
;SNA(MSE)SGFLEQRLGHCLRQ(MSE)AEKGLEALLVTHLTNSYYLTGFSGTAATVLITAKRRVLITDSRYTLLAKASVE
GFDIIESRTPLKVVAELLEADQIDCLGFEDQVSFSFYQA(MSE)QAELSGITLLAQSGFVEHLR
;
_entity_poly.pdbx_strand_id   A,B,C,D
#
# COMPACT_ATOMS: atom_id res chain seq x y z
N MSE A 4 -15.68 -25.49 20.19
CA MSE A 4 -15.02 -24.78 19.02
C MSE A 4 -16.01 -24.18 18.00
O MSE A 4 -15.88 -23.00 17.66
CB MSE A 4 -13.92 -25.61 18.35
CG MSE A 4 -12.49 -25.07 18.62
SE MSE A 4 -12.07 -23.22 17.89
CE MSE A 4 -11.61 -23.70 16.01
N SER A 5 -16.96 -24.99 17.52
CA SER A 5 -18.12 -24.46 16.78
C SER A 5 -18.83 -23.40 17.62
N GLY A 6 -19.15 -23.77 18.88
CA GLY A 6 -19.68 -22.83 19.87
C GLY A 6 -18.73 -21.66 20.11
N PHE A 7 -17.43 -21.96 20.32
CA PHE A 7 -16.41 -20.93 20.55
C PHE A 7 -16.39 -19.93 19.42
N LEU A 8 -16.57 -20.40 18.18
CA LEU A 8 -16.57 -19.50 17.02
C LEU A 8 -17.85 -18.67 16.97
N GLU A 9 -18.99 -19.27 17.28
CA GLU A 9 -20.26 -18.50 17.30
C GLU A 9 -20.27 -17.43 18.39
N GLN A 10 -19.69 -17.75 19.53
CA GLN A 10 -19.53 -16.73 20.55
C GLN A 10 -18.63 -15.54 20.14
N ARG A 11 -17.52 -15.81 19.42
CA ARG A 11 -16.64 -14.72 18.96
C ARG A 11 -17.34 -13.83 17.99
N LEU A 12 -18.11 -14.45 17.10
CA LEU A 12 -18.95 -13.70 16.12
C LEU A 12 -19.97 -12.85 16.85
N GLY A 13 -20.63 -13.45 17.83
CA GLY A 13 -21.61 -12.71 18.64
C GLY A 13 -20.99 -11.52 19.34
N HIS A 14 -19.82 -11.70 19.92
CA HIS A 14 -19.05 -10.60 20.50
C HIS A 14 -18.77 -9.48 19.48
N CYS A 15 -18.27 -9.89 18.34
CA CYS A 15 -17.94 -8.96 17.24
C CYS A 15 -19.18 -8.14 16.89
N LEU A 16 -20.30 -8.85 16.66
CA LEU A 16 -21.58 -8.20 16.32
C LEU A 16 -22.09 -7.24 17.43
N ARG A 17 -22.02 -7.68 18.67
CA ARG A 17 -22.40 -6.76 19.76
C ARG A 17 -21.54 -5.47 19.79
N GLN A 18 -20.23 -5.62 19.63
CA GLN A 18 -19.37 -4.43 19.62
C GLN A 18 -19.71 -3.53 18.43
N MSE A 19 -19.97 -4.13 17.28
CA MSE A 19 -20.36 -3.34 16.08
C MSE A 19 -21.67 -2.58 16.34
O MSE A 19 -21.79 -1.41 15.97
CB MSE A 19 -20.54 -4.24 14.85
CG MSE A 19 -19.20 -4.67 14.28
SE MSE A 19 -19.51 -6.15 12.99
CE MSE A 19 -20.52 -5.14 11.71
N ALA A 20 -22.65 -3.24 16.98
CA ALA A 20 -23.95 -2.59 17.24
C ALA A 20 -23.78 -1.46 18.24
N GLU A 21 -23.06 -1.74 19.31
CA GLU A 21 -22.74 -0.73 20.35
C GLU A 21 -22.18 0.56 19.72
N LYS A 22 -21.33 0.42 18.71
CA LYS A 22 -20.57 1.55 18.14
C LYS A 22 -21.15 2.11 16.85
N GLY A 23 -22.23 1.47 16.39
CA GLY A 23 -22.95 1.90 15.18
C GLY A 23 -22.17 1.58 13.90
N LEU A 24 -21.43 0.47 13.92
CA LEU A 24 -20.71 0.04 12.68
C LEU A 24 -21.60 -0.99 11.99
N GLU A 25 -22.03 -0.66 10.78
CA GLU A 25 -22.99 -1.46 10.04
C GLU A 25 -22.36 -2.59 9.33
N ALA A 26 -21.10 -2.42 8.95
CA ALA A 26 -20.49 -3.46 8.09
C ALA A 26 -19.03 -3.49 8.38
N LEU A 27 -18.44 -4.69 8.45
CA LEU A 27 -16.98 -4.73 8.75
C LEU A 27 -16.27 -5.63 7.74
N LEU A 28 -15.15 -5.15 7.16
CA LEU A 28 -14.39 -5.93 6.16
C LEU A 28 -13.12 -6.43 6.83
N VAL A 29 -12.97 -7.73 6.92
CA VAL A 29 -11.77 -8.32 7.58
C VAL A 29 -10.96 -8.98 6.49
N THR A 30 -9.69 -8.56 6.35
CA THR A 30 -8.84 -9.05 5.32
C THR A 30 -7.46 -9.53 5.81
N HIS A 31 -7.21 -9.53 7.12
CA HIS A 31 -5.95 -10.06 7.66
C HIS A 31 -6.17 -11.41 8.33
N LEU A 32 -5.29 -12.35 8.01
CA LEU A 32 -5.50 -13.75 8.39
C LEU A 32 -5.72 -13.98 9.88
N THR A 33 -4.93 -13.34 10.77
CA THR A 33 -5.10 -13.64 12.22
C THR A 33 -6.55 -13.34 12.60
N ASN A 34 -7.13 -12.30 11.99
CA ASN A 34 -8.49 -11.89 12.37
C ASN A 34 -9.57 -12.67 11.63
N SER A 35 -9.33 -13.00 10.37
CA SER A 35 -10.34 -13.85 9.70
C SER A 35 -10.34 -15.26 10.37
N TYR A 36 -9.16 -15.76 10.66
CA TYR A 36 -9.04 -17.04 11.38
C TYR A 36 -9.74 -17.01 12.74
N TYR A 37 -9.56 -15.92 13.46
CA TYR A 37 -10.23 -15.74 14.74
C TYR A 37 -11.74 -15.97 14.62
N LEU A 38 -12.34 -15.47 13.54
CA LEU A 38 -13.80 -15.48 13.43
C LEU A 38 -14.33 -16.68 12.70
N THR A 39 -13.51 -17.31 11.86
CA THR A 39 -14.08 -18.36 11.00
C THR A 39 -13.45 -19.75 11.21
N GLY A 40 -12.30 -19.83 11.87
CA GLY A 40 -11.50 -21.08 11.87
C GLY A 40 -10.87 -21.47 10.54
N PHE A 41 -10.98 -20.60 9.52
CA PHE A 41 -10.41 -20.90 8.18
C PHE A 41 -8.99 -20.37 8.09
N SER A 42 -8.02 -21.25 7.80
CA SER A 42 -6.58 -20.88 7.85
C SER A 42 -6.02 -20.28 6.55
N GLY A 43 -6.76 -20.38 5.46
CA GLY A 43 -6.26 -19.93 4.15
C GLY A 43 -6.17 -18.42 4.02
N THR A 44 -5.08 -17.92 3.42
CA THR A 44 -4.90 -16.49 3.33
C THR A 44 -5.86 -15.87 2.29
N ALA A 45 -6.48 -16.67 1.42
CA ALA A 45 -7.46 -16.02 0.53
C ALA A 45 -8.79 -16.00 1.24
N ALA A 46 -9.00 -14.97 2.05
CA ALA A 46 -10.19 -14.88 2.84
C ALA A 46 -10.49 -13.39 3.00
N THR A 47 -11.59 -12.97 2.38
CA THR A 47 -12.12 -11.63 2.55
C THR A 47 -13.48 -11.86 3.22
N VAL A 48 -13.56 -11.39 4.45
CA VAL A 48 -14.75 -11.57 5.27
C VAL A 48 -15.51 -10.30 5.38
N LEU A 49 -16.83 -10.39 5.20
CA LEU A 49 -17.71 -9.26 5.40
C LEU A 49 -18.74 -9.65 6.45
N ILE A 50 -18.82 -8.84 7.47
CA ILE A 50 -19.81 -9.09 8.55
C ILE A 50 -20.77 -7.92 8.63
N THR A 51 -22.07 -8.16 8.72
CA THR A 51 -23.06 -7.08 9.09
C THR A 51 -24.01 -7.75 10.08
N ALA A 52 -24.97 -6.97 10.61
CA ALA A 52 -25.96 -7.49 11.54
C ALA A 52 -26.65 -8.70 10.92
N LYS A 53 -26.66 -8.74 9.59
CA LYS A 53 -27.40 -9.77 8.82
C LYS A 53 -26.48 -10.81 8.14
N ARG A 54 -25.36 -10.35 7.60
CA ARG A 54 -24.44 -11.15 6.76
C ARG A 54 -23.26 -11.70 7.47
N ARG A 55 -22.86 -12.92 7.11
CA ARG A 55 -21.61 -13.49 7.55
C ARG A 55 -21.03 -14.11 6.26
N VAL A 56 -20.13 -13.38 5.56
CA VAL A 56 -19.69 -13.85 4.23
C VAL A 56 -18.19 -14.12 4.28
N LEU A 57 -17.77 -15.23 3.71
CA LEU A 57 -16.34 -15.49 3.48
C LEU A 57 -16.10 -15.66 2.00
N ILE A 58 -15.33 -14.74 1.43
CA ILE A 58 -15.07 -14.81 -0.02
C ILE A 58 -13.66 -15.39 -0.23
N THR A 59 -13.53 -16.37 -1.13
CA THR A 59 -12.25 -17.11 -1.29
C THR A 59 -12.11 -17.48 -2.78
N ASP A 60 -11.04 -18.15 -3.19
CA ASP A 60 -10.95 -18.56 -4.62
C ASP A 60 -11.06 -20.06 -4.76
N SER A 61 -11.06 -20.59 -5.99
CA SER A 61 -11.34 -22.01 -6.23
C SER A 61 -10.44 -23.01 -5.54
N ARG A 62 -9.25 -22.60 -5.14
CA ARG A 62 -8.37 -23.50 -4.38
C ARG A 62 -9.06 -23.90 -3.07
N TYR A 63 -9.91 -23.04 -2.54
CA TYR A 63 -10.46 -23.20 -1.20
C TYR A 63 -11.96 -23.36 -1.08
N THR A 64 -12.72 -23.06 -2.15
CA THR A 64 -14.17 -23.04 -2.04
C THR A 64 -14.79 -24.30 -1.40
N LEU A 65 -14.38 -25.45 -1.93
CA LEU A 65 -14.95 -26.72 -1.47
C LEU A 65 -14.68 -26.94 0.02
N LEU A 66 -13.47 -26.71 0.45
CA LEU A 66 -13.11 -26.97 1.84
C LEU A 66 -13.82 -25.95 2.73
N ALA A 67 -13.85 -24.67 2.31
CA ALA A 67 -14.58 -23.65 3.15
C ALA A 67 -16.05 -24.00 3.33
N LYS A 68 -16.73 -24.46 2.24
CA LYS A 68 -18.18 -24.82 2.41
C LYS A 68 -18.34 -26.05 3.30
N ALA A 69 -17.37 -26.97 3.30
CA ALA A 69 -17.46 -28.17 4.20
C ALA A 69 -17.10 -27.86 5.66
N SER A 70 -16.23 -26.87 5.87
CA SER A 70 -15.65 -26.64 7.18
C SER A 70 -16.01 -25.34 7.92
N VAL A 71 -16.57 -24.35 7.26
CA VAL A 71 -16.86 -23.12 7.97
C VAL A 71 -18.34 -23.00 8.33
N GLU A 72 -18.64 -23.01 9.60
CA GLU A 72 -20.03 -22.93 10.05
C GLU A 72 -20.55 -21.52 10.07
N GLY A 73 -21.73 -21.34 9.48
CA GLY A 73 -22.52 -20.12 9.68
C GLY A 73 -22.07 -18.96 8.82
N PHE A 74 -21.19 -19.22 7.86
CA PHE A 74 -20.77 -18.20 6.88
C PHE A 74 -21.19 -18.63 5.50
N ASP A 75 -21.71 -17.72 4.67
CA ASP A 75 -21.96 -18.03 3.27
C ASP A 75 -20.62 -17.87 2.53
N ILE A 76 -20.31 -18.86 1.70
CA ILE A 76 -18.98 -18.93 1.05
C ILE A 76 -19.20 -18.44 -0.36
N ILE A 77 -18.45 -17.46 -0.79
CA ILE A 77 -18.58 -17.06 -2.17
C ILE A 77 -17.23 -17.19 -2.84
N GLU A 78 -17.22 -17.73 -4.05
CA GLU A 78 -15.98 -17.90 -4.78
C GLU A 78 -15.83 -16.73 -5.74
N SER A 79 -14.67 -16.04 -5.65
CA SER A 79 -14.39 -14.89 -6.51
C SER A 79 -12.92 -14.61 -6.46
N ARG A 80 -12.37 -14.25 -7.60
CA ARG A 80 -11.00 -13.73 -7.68
C ARG A 80 -10.96 -12.23 -7.49
N THR A 81 -12.13 -11.61 -7.46
CA THR A 81 -12.18 -10.15 -7.17
C THR A 81 -13.13 -9.86 -6.01
N PRO A 82 -12.70 -10.21 -4.78
CA PRO A 82 -13.63 -10.11 -3.64
C PRO A 82 -14.17 -8.67 -3.38
N LEU A 83 -13.44 -7.59 -3.74
CA LEU A 83 -13.96 -6.22 -3.49
C LEU A 83 -15.18 -5.92 -4.40
N LYS A 84 -15.23 -6.53 -5.57
CA LYS A 84 -16.43 -6.45 -6.41
C LYS A 84 -17.72 -7.11 -5.78
N VAL A 85 -17.53 -8.28 -5.19
CA VAL A 85 -18.58 -8.95 -4.40
C VAL A 85 -18.98 -8.09 -3.18
N VAL A 86 -17.99 -7.56 -2.49
CA VAL A 86 -18.30 -6.66 -1.38
C VAL A 86 -19.16 -5.49 -1.87
N ALA A 87 -18.75 -4.82 -2.94
CA ALA A 87 -19.66 -3.77 -3.49
C ALA A 87 -21.07 -4.24 -3.77
N GLU A 88 -21.24 -5.45 -4.35
CA GLU A 88 -22.57 -5.94 -4.66
C GLU A 88 -23.40 -6.20 -3.40
N LEU A 89 -22.80 -6.84 -2.38
CA LEU A 89 -23.54 -7.04 -1.09
C LEU A 89 -23.99 -5.72 -0.44
N LEU A 90 -23.09 -4.75 -0.36
CA LEU A 90 -23.44 -3.44 0.21
C LEU A 90 -24.58 -2.78 -0.56
N GLU A 91 -24.50 -2.80 -1.89
CA GLU A 91 -25.66 -2.32 -2.70
C GLU A 91 -26.98 -3.05 -2.36
N ALA A 92 -26.92 -4.37 -2.34
CA ALA A 92 -28.07 -5.18 -1.99
C ALA A 92 -28.70 -4.82 -0.67
N ASP A 93 -27.88 -4.43 0.32
CA ASP A 93 -28.41 -4.16 1.66
C ASP A 93 -28.56 -2.69 1.92
N GLN A 94 -28.24 -1.87 0.94
CA GLN A 94 -28.26 -0.42 1.11
C GLN A 94 -27.41 0.09 2.27
N ILE A 95 -26.19 -0.44 2.36
CA ILE A 95 -25.24 0.01 3.38
C ILE A 95 -24.22 0.92 2.66
N ASP A 96 -24.03 2.14 3.18
CA ASP A 96 -23.11 3.16 2.52
C ASP A 96 -21.88 3.50 3.33
N CYS A 97 -21.58 2.68 4.34
CA CYS A 97 -20.45 2.91 5.23
C CYS A 97 -19.79 1.55 5.61
N LEU A 98 -18.47 1.44 5.54
CA LEU A 98 -17.80 0.17 5.74
C LEU A 98 -16.57 0.41 6.58
N GLY A 99 -16.45 -0.32 7.65
CA GLY A 99 -15.30 -0.35 8.48
C GLY A 99 -14.32 -1.31 7.84
N PHE A 100 -13.04 -0.99 7.92
CA PHE A 100 -12.04 -1.94 7.46
C PHE A 100 -10.80 -1.81 8.36
N GLU A 101 -9.83 -2.69 8.15
CA GLU A 101 -8.68 -2.74 9.03
C GLU A 101 -7.57 -1.75 8.66
N ASP A 102 -7.13 -0.91 9.60
CA ASP A 102 -6.13 0.08 9.26
C ASP A 102 -4.76 -0.47 8.90
N GLN A 103 -4.54 -1.78 9.03
CA GLN A 103 -3.30 -2.37 8.60
C GLN A 103 -3.31 -2.79 7.11
N VAL A 104 -4.42 -2.57 6.38
CA VAL A 104 -4.36 -2.72 4.92
C VAL A 104 -3.33 -1.69 4.39
N SER A 105 -2.74 -2.00 3.24
CA SER A 105 -1.80 -1.10 2.59
C SER A 105 -2.56 0.01 1.94
N PHE A 106 -1.88 1.11 1.67
CA PHE A 106 -2.48 2.16 0.91
C PHE A 106 -2.93 1.68 -0.48
N SER A 107 -2.12 0.85 -1.12
CA SER A 107 -2.47 0.20 -2.41
C SER A 107 -3.83 -0.52 -2.35
N PHE A 108 -4.01 -1.31 -1.30
CA PHE A 108 -5.29 -2.02 -1.12
C PHE A 108 -6.47 -1.04 -0.86
N TYR A 109 -6.25 0.01 -0.06
CA TYR A 109 -7.22 1.13 0.05
C TYR A 109 -7.60 1.78 -1.30
N GLN A 110 -6.64 1.98 -2.18
CA GLN A 110 -6.99 2.51 -3.50
C GLN A 110 -7.84 1.52 -4.28
N ALA A 111 -7.53 0.22 -4.19
CA ALA A 111 -8.39 -0.78 -4.90
C ALA A 111 -9.81 -0.72 -4.29
N MSE A 112 -9.89 -0.55 -2.95
CA MSE A 112 -11.18 -0.39 -2.28
C MSE A 112 -11.97 0.78 -2.83
O MSE A 112 -13.15 0.67 -3.11
CB MSE A 112 -10.98 -0.18 -0.74
CG MSE A 112 -10.67 -1.45 -0.05
SE MSE A 112 -10.29 -1.08 1.88
CE MSE A 112 -12.09 -0.84 2.36
N GLN A 113 -11.32 1.93 -2.95
CA GLN A 113 -11.99 3.12 -3.52
C GLN A 113 -12.44 2.93 -4.94
N ALA A 114 -11.62 2.25 -5.73
CA ALA A 114 -11.95 1.84 -7.12
C ALA A 114 -13.28 1.02 -7.19
N GLU A 115 -13.43 0.04 -6.30
CA GLU A 115 -14.58 -0.89 -6.36
C GLU A 115 -15.77 -0.41 -5.57
N LEU A 116 -15.57 0.48 -4.59
CA LEU A 116 -16.63 0.76 -3.59
C LEU A 116 -17.09 2.19 -3.73
N SER A 117 -17.38 2.63 -4.97
CA SER A 117 -17.82 4.01 -5.15
C SER A 117 -19.09 4.26 -4.35
N GLY A 118 -19.19 5.46 -3.77
CA GLY A 118 -20.34 5.80 -2.99
C GLY A 118 -20.28 5.33 -1.51
N ILE A 119 -19.29 4.52 -1.16
CA ILE A 119 -19.20 3.98 0.22
C ILE A 119 -18.13 4.72 0.98
N THR A 120 -18.47 5.15 2.20
CA THR A 120 -17.55 5.80 3.10
C THR A 120 -16.71 4.72 3.78
N LEU A 121 -15.39 4.87 3.71
CA LEU A 121 -14.50 3.80 4.21
C LEU A 121 -13.90 4.29 5.48
N LEU A 122 -14.20 3.57 6.56
CA LEU A 122 -13.72 3.98 7.92
C LEU A 122 -12.74 3.00 8.60
N ALA A 123 -11.48 3.42 8.71
CA ALA A 123 -10.38 2.55 9.20
C ALA A 123 -10.44 2.43 10.71
N GLN A 124 -10.20 1.21 11.20
CA GLN A 124 -10.23 0.85 12.60
C GLN A 124 -8.88 0.34 12.98
N SER A 125 -8.49 0.60 14.23
CA SER A 125 -7.25 0.04 14.72
C SER A 125 -7.55 -1.19 15.56
N GLY A 126 -7.17 -2.35 15.06
CA GLY A 126 -7.29 -3.57 15.86
C GLY A 126 -8.72 -3.87 16.32
N PHE A 127 -9.70 -3.67 15.45
CA PHE A 127 -11.07 -3.92 15.87
C PHE A 127 -11.30 -5.36 16.30
N VAL A 128 -10.82 -6.31 15.52
CA VAL A 128 -11.09 -7.74 15.87
C VAL A 128 -10.17 -8.18 17.04
N GLU A 129 -8.91 -7.74 16.99
CA GLU A 129 -7.91 -7.97 18.06
C GLU A 129 -8.43 -7.59 19.44
N HIS A 130 -9.16 -6.49 19.48
CA HIS A 130 -9.70 -5.91 20.68
C HIS A 130 -10.77 -6.81 21.28
N LEU A 131 -11.32 -7.74 20.51
CA LEU A 131 -12.34 -8.68 21.05
C LEU A 131 -11.75 -9.74 22.00
N ARG A 132 -10.44 -9.99 21.99
CA ARG A 132 -9.91 -11.11 22.80
C ARG A 132 -9.77 -10.67 24.23
N MSE B 4 20.12 -14.82 -13.16
CA MSE B 4 18.76 -15.18 -12.64
C MSE B 4 18.30 -14.44 -11.34
O MSE B 4 17.09 -14.36 -11.05
CB MSE B 4 18.62 -16.71 -12.48
CG MSE B 4 17.38 -17.19 -11.70
SE MSE B 4 15.63 -16.98 -12.61
CE MSE B 4 14.44 -16.55 -11.14
N SER B 5 19.26 -13.88 -10.59
CA SER B 5 18.97 -13.20 -9.31
C SER B 5 17.96 -12.01 -9.39
N GLY B 6 17.89 -11.36 -10.57
CA GLY B 6 16.87 -10.35 -10.90
C GLY B 6 15.47 -10.94 -10.74
N PHE B 7 15.19 -12.01 -11.49
CA PHE B 7 13.91 -12.71 -11.35
C PHE B 7 13.73 -13.26 -9.92
N LEU B 8 14.76 -13.83 -9.30
CA LEU B 8 14.62 -14.41 -7.96
C LEU B 8 14.21 -13.28 -6.99
N GLU B 9 14.85 -12.13 -7.14
CA GLU B 9 14.57 -11.03 -6.23
C GLU B 9 13.12 -10.52 -6.38
N GLN B 10 12.60 -10.42 -7.60
CA GLN B 10 11.22 -10.04 -7.80
C GLN B 10 10.17 -11.06 -7.28
N ARG B 11 10.48 -12.35 -7.39
CA ARG B 11 9.60 -13.39 -6.85
C ARG B 11 9.49 -13.26 -5.35
N LEU B 12 10.63 -13.14 -4.68
CA LEU B 12 10.65 -12.95 -3.25
C LEU B 12 9.87 -11.67 -2.87
N GLY B 13 10.12 -10.57 -3.59
CA GLY B 13 9.42 -9.29 -3.36
C GLY B 13 7.92 -9.48 -3.48
N HIS B 14 7.49 -10.31 -4.43
CA HIS B 14 6.06 -10.57 -4.65
C HIS B 14 5.47 -11.41 -3.47
N CYS B 15 6.27 -12.39 -3.04
CA CYS B 15 5.89 -13.27 -1.94
C CYS B 15 5.66 -12.41 -0.68
N LEU B 16 6.65 -11.59 -0.38
CA LEU B 16 6.58 -10.65 0.74
C LEU B 16 5.38 -9.68 0.69
N ARG B 17 5.10 -9.08 -0.47
CA ARG B 17 3.94 -8.16 -0.58
C ARG B 17 2.60 -8.94 -0.41
N GLN B 18 2.53 -10.14 -0.97
CA GLN B 18 1.31 -10.96 -0.80
C GLN B 18 1.07 -11.32 0.69
N MSE B 19 2.13 -11.76 1.36
CA MSE B 19 2.05 -12.04 2.79
C MSE B 19 1.59 -10.80 3.60
O MSE B 19 0.73 -10.94 4.48
CB MSE B 19 3.41 -12.51 3.32
CG MSE B 19 3.79 -13.95 2.91
SE MSE B 19 5.71 -14.29 3.30
CE MSE B 19 5.68 -14.21 5.22
N ALA B 20 2.20 -9.65 3.37
CA ALA B 20 1.82 -8.38 4.06
C ALA B 20 0.35 -8.02 3.78
N GLU B 21 -0.07 -8.09 2.51
CA GLU B 21 -1.50 -7.81 2.16
C GLU B 21 -2.49 -8.69 2.94
N LYS B 22 -2.12 -9.97 3.13
CA LYS B 22 -3.06 -10.96 3.72
C LYS B 22 -2.86 -11.07 5.19
N GLY B 23 -1.92 -10.28 5.72
CA GLY B 23 -1.54 -10.32 7.14
C GLY B 23 -0.81 -11.59 7.62
N LEU B 24 -0.08 -12.27 6.72
CA LEU B 24 0.64 -13.48 7.14
C LEU B 24 2.03 -13.11 7.61
N GLU B 25 2.31 -13.28 8.90
CA GLU B 25 3.57 -12.80 9.44
C GLU B 25 4.77 -13.68 9.10
N ALA B 26 4.52 -14.95 8.86
CA ALA B 26 5.67 -15.86 8.66
C ALA B 26 5.22 -17.01 7.77
N LEU B 27 6.13 -17.48 6.88
CA LEU B 27 5.72 -18.54 5.99
C LEU B 27 6.76 -19.62 6.01
N LEU B 28 6.32 -20.86 6.21
CA LEU B 28 7.30 -21.94 6.18
C LEU B 28 7.17 -22.69 4.85
N VAL B 29 8.24 -22.73 4.05
CA VAL B 29 8.20 -23.46 2.74
C VAL B 29 9.09 -24.70 2.82
N THR B 30 8.49 -25.90 2.65
CA THR B 30 9.20 -27.15 2.73
C THR B 30 9.10 -28.09 1.50
N HIS B 31 8.55 -27.65 0.38
CA HIS B 31 8.43 -28.51 -0.79
C HIS B 31 9.31 -27.97 -1.88
N LEU B 32 10.05 -28.88 -2.53
CA LEU B 32 11.11 -28.53 -3.50
C LEU B 32 10.67 -27.51 -4.58
N THR B 33 9.55 -27.76 -5.20
CA THR B 33 9.12 -26.86 -6.29
C THR B 33 9.06 -25.41 -5.82
N ASN B 34 8.60 -25.22 -4.59
CA ASN B 34 8.44 -23.86 -4.08
C ASN B 34 9.68 -23.28 -3.46
N SER B 35 10.49 -24.07 -2.76
CA SER B 35 11.76 -23.51 -2.29
C SER B 35 12.64 -23.18 -3.52
N TYR B 36 12.60 -24.03 -4.55
CA TYR B 36 13.39 -23.75 -5.76
C TYR B 36 12.95 -22.46 -6.48
N TYR B 37 11.64 -22.31 -6.65
CA TYR B 37 11.07 -21.06 -7.20
C TYR B 37 11.59 -19.82 -6.47
N LEU B 38 11.63 -19.85 -5.15
CA LEU B 38 12.00 -18.65 -4.39
C LEU B 38 13.50 -18.43 -4.19
N THR B 39 14.31 -19.49 -4.20
CA THR B 39 15.74 -19.37 -3.91
C THR B 39 16.66 -19.78 -5.02
N GLY B 40 16.12 -20.50 -6.01
CA GLY B 40 16.92 -21.13 -7.05
C GLY B 40 17.72 -22.35 -6.55
N PHE B 41 17.51 -22.79 -5.30
CA PHE B 41 18.31 -23.91 -4.69
C PHE B 41 17.63 -25.23 -5.07
N SER B 42 18.34 -26.20 -5.61
CA SER B 42 17.63 -27.37 -6.18
C SER B 42 17.50 -28.55 -5.24
N GLY B 43 18.21 -28.48 -4.11
CA GLY B 43 18.25 -29.65 -3.20
C GLY B 43 16.98 -29.76 -2.35
N THR B 44 16.56 -30.98 -2.06
CA THR B 44 15.31 -31.22 -1.32
C THR B 44 15.51 -30.90 0.17
N ALA B 45 16.79 -30.88 0.66
CA ALA B 45 17.06 -30.50 2.06
C ALA B 45 17.01 -29.00 2.28
N ALA B 46 15.79 -28.45 2.34
CA ALA B 46 15.66 -27.02 2.28
C ALA B 46 14.44 -26.61 3.08
N THR B 47 14.66 -26.05 4.26
CA THR B 47 13.48 -25.55 5.00
C THR B 47 13.60 -24.05 4.98
N VAL B 48 12.68 -23.43 4.24
CA VAL B 48 12.70 -21.97 4.05
C VAL B 48 11.72 -21.30 4.97
N LEU B 49 12.20 -20.29 5.72
CA LEU B 49 11.38 -19.46 6.57
C LEU B 49 11.44 -18.03 6.08
N ILE B 50 10.28 -17.46 5.76
CA ILE B 50 10.20 -16.06 5.31
C ILE B 50 9.30 -15.26 6.29
N THR B 51 9.80 -14.09 6.70
CA THR B 51 9.01 -13.11 7.45
C THR B 51 9.36 -11.73 6.77
N ALA B 52 8.65 -10.67 7.14
CA ALA B 52 9.01 -9.29 6.72
C ALA B 52 10.49 -8.94 6.97
N LYS B 53 11.04 -9.45 8.06
CA LYS B 53 12.36 -9.10 8.52
C LYS B 53 13.45 -10.10 8.14
N ARG B 54 13.08 -11.39 7.99
CA ARG B 54 14.03 -12.53 7.87
C ARG B 54 13.81 -13.38 6.66
N ARG B 55 14.88 -13.78 6.01
CA ARG B 55 14.85 -14.81 4.99
C ARG B 55 15.92 -15.82 5.34
N VAL B 56 15.49 -17.05 5.60
CA VAL B 56 16.40 -18.10 6.07
C VAL B 56 16.22 -19.35 5.23
N LEU B 57 17.33 -20.03 4.95
CA LEU B 57 17.27 -21.36 4.31
C LEU B 57 18.08 -22.28 5.20
N ILE B 58 17.40 -23.26 5.79
CA ILE B 58 18.02 -24.26 6.65
C ILE B 58 18.28 -25.49 5.81
N THR B 59 19.50 -26.00 5.88
CA THR B 59 19.84 -27.20 5.17
C THR B 59 20.84 -28.03 6.03
N ASP B 60 21.34 -29.15 5.50
CA ASP B 60 22.26 -29.97 6.25
C ASP B 60 23.64 -29.89 5.63
N SER B 61 24.62 -30.55 6.24
CA SER B 61 26.02 -30.32 5.81
C SER B 61 26.33 -30.73 4.39
N ARG B 62 25.54 -31.63 3.80
CA ARG B 62 25.72 -31.93 2.35
C ARG B 62 25.65 -30.66 1.53
N TYR B 63 24.82 -29.75 1.96
CA TYR B 63 24.49 -28.62 1.09
C TYR B 63 25.00 -27.25 1.58
N THR B 64 25.48 -27.15 2.82
CA THR B 64 25.83 -25.81 3.39
C THR B 64 26.74 -24.95 2.51
N LEU B 65 27.82 -25.53 2.03
CA LEU B 65 28.80 -24.74 1.25
C LEU B 65 28.21 -24.20 -0.06
N LEU B 66 27.57 -25.07 -0.83
CA LEU B 66 26.87 -24.60 -2.01
C LEU B 66 25.79 -23.53 -1.72
N ALA B 67 24.92 -23.80 -0.72
CA ALA B 67 23.88 -22.84 -0.37
C ALA B 67 24.49 -21.47 -0.07
N LYS B 68 25.53 -21.44 0.75
CA LYS B 68 26.21 -20.17 1.06
C LYS B 68 26.76 -19.49 -0.18
N ALA B 69 27.29 -20.27 -1.12
CA ALA B 69 27.89 -19.67 -2.32
C ALA B 69 26.86 -19.19 -3.32
N SER B 70 25.66 -19.80 -3.36
CA SER B 70 24.76 -19.58 -4.50
C SER B 70 23.43 -18.90 -4.14
N VAL B 71 23.03 -18.90 -2.87
CA VAL B 71 21.69 -18.43 -2.59
C VAL B 71 21.80 -16.95 -2.13
N GLU B 72 21.27 -16.02 -2.90
CA GLU B 72 21.49 -14.61 -2.58
C GLU B 72 20.34 -14.11 -1.73
N GLY B 73 20.65 -13.37 -0.66
CA GLY B 73 19.59 -12.74 0.17
C GLY B 73 18.86 -13.65 1.14
N PHE B 74 19.40 -14.85 1.39
CA PHE B 74 18.86 -15.74 2.42
C PHE B 74 19.99 -16.09 3.37
N ASP B 75 19.77 -16.02 4.69
CA ASP B 75 20.71 -16.52 5.66
C ASP B 75 20.73 -18.05 5.64
N ILE B 76 21.90 -18.66 5.58
CA ILE B 76 22.01 -20.13 5.54
C ILE B 76 22.35 -20.66 6.94
N ILE B 77 21.56 -21.64 7.43
CA ILE B 77 21.75 -22.24 8.73
C ILE B 77 21.83 -23.72 8.56
N GLU B 78 22.89 -24.30 9.08
CA GLU B 78 23.09 -25.73 8.97
C GLU B 78 22.47 -26.44 10.16
N SER B 79 21.54 -27.33 9.91
CA SER B 79 20.92 -28.05 11.03
C SER B 79 20.26 -29.29 10.48
N ARG B 80 20.34 -30.38 11.20
CA ARG B 80 19.56 -31.59 10.89
C ARG B 80 18.22 -31.57 11.57
N THR B 81 17.93 -30.52 12.33
CA THR B 81 16.64 -30.44 13.00
C THR B 81 16.08 -29.04 12.70
N PRO B 82 15.63 -28.79 11.43
CA PRO B 82 15.22 -27.45 11.08
C PRO B 82 14.12 -26.84 11.95
N LEU B 83 13.23 -27.66 12.48
CA LEU B 83 12.06 -27.08 13.20
C LEU B 83 12.50 -26.42 14.52
N LYS B 84 13.65 -26.87 15.04
CA LYS B 84 14.16 -26.32 16.29
C LYS B 84 14.71 -24.97 15.97
N VAL B 85 15.31 -24.82 14.79
CA VAL B 85 15.82 -23.51 14.38
C VAL B 85 14.63 -22.55 14.15
N VAL B 86 13.60 -23.04 13.46
CA VAL B 86 12.42 -22.27 13.25
C VAL B 86 11.85 -21.77 14.58
N ALA B 87 11.78 -22.61 15.61
CA ALA B 87 11.16 -22.18 16.86
C ALA B 87 11.99 -21.06 17.46
N GLU B 88 13.32 -21.24 17.47
CA GLU B 88 14.23 -20.15 17.98
C GLU B 88 14.06 -18.80 17.30
N LEU B 89 14.00 -18.79 15.96
CA LEU B 89 13.80 -17.57 15.18
C LEU B 89 12.45 -16.93 15.47
N LEU B 90 11.38 -17.73 15.48
CA LEU B 90 10.07 -17.14 15.73
C LEU B 90 10.00 -16.60 17.16
N GLU B 91 10.57 -17.32 18.11
CA GLU B 91 10.65 -16.79 19.50
C GLU B 91 11.38 -15.45 19.53
N ALA B 92 12.56 -15.41 18.96
CA ALA B 92 13.37 -14.21 18.88
C ALA B 92 12.59 -13.00 18.34
N ASP B 93 11.84 -13.21 17.27
CA ASP B 93 11.15 -12.10 16.56
C ASP B 93 9.76 -11.89 17.11
N GLN B 94 9.39 -12.69 18.11
CA GLN B 94 8.10 -12.59 18.78
C GLN B 94 6.93 -12.80 17.77
N ILE B 95 7.07 -13.81 16.91
CA ILE B 95 6.03 -14.15 15.96
C ILE B 95 5.23 -15.33 16.48
N ASP B 96 3.93 -15.20 16.57
CA ASP B 96 3.18 -16.31 17.11
C ASP B 96 2.16 -16.93 16.14
N CYS B 97 2.16 -16.53 14.84
CA CYS B 97 1.43 -17.32 13.79
C CYS B 97 2.39 -17.76 12.68
N LEU B 98 2.21 -18.95 12.11
CA LEU B 98 3.13 -19.42 11.05
C LEU B 98 2.25 -20.06 9.99
N GLY B 99 2.36 -19.58 8.77
CA GLY B 99 1.81 -20.25 7.59
C GLY B 99 2.70 -21.42 7.16
N PHE B 100 2.06 -22.50 6.72
CA PHE B 100 2.78 -23.62 6.21
C PHE B 100 2.00 -24.18 5.01
N GLU B 101 2.67 -25.04 4.24
CA GLU B 101 2.08 -25.57 3.02
C GLU B 101 1.22 -26.77 3.37
N ASP B 102 0.04 -26.84 2.80
CA ASP B 102 -0.88 -27.94 3.18
C ASP B 102 -0.46 -29.30 2.60
N GLN B 103 0.60 -29.31 1.82
CA GLN B 103 1.13 -30.58 1.29
C GLN B 103 2.10 -31.30 2.22
N VAL B 104 2.48 -30.68 3.35
CA VAL B 104 3.22 -31.41 4.39
C VAL B 104 2.46 -32.64 4.84
N SER B 105 3.16 -33.69 5.27
CA SER B 105 2.49 -34.85 5.85
C SER B 105 1.88 -34.47 7.19
N PHE B 106 0.85 -35.21 7.57
CA PHE B 106 0.34 -35.08 8.94
C PHE B 106 1.42 -35.28 10.02
N SER B 107 2.32 -36.23 9.81
CA SER B 107 3.42 -36.49 10.74
C SER B 107 4.32 -35.26 10.87
N PHE B 108 4.47 -34.52 9.77
CA PHE B 108 5.33 -33.30 9.83
C PHE B 108 4.57 -32.18 10.58
N TYR B 109 3.28 -32.06 10.34
CA TYR B 109 2.45 -31.14 11.13
C TYR B 109 2.53 -31.49 12.64
N GLN B 110 2.48 -32.77 12.98
CA GLN B 110 2.67 -33.13 14.41
C GLN B 110 4.04 -32.71 14.94
N ALA B 111 5.10 -32.91 14.16
CA ALA B 111 6.44 -32.45 14.51
C ALA B 111 6.46 -30.90 14.73
N MSE B 112 5.75 -30.13 13.89
CA MSE B 112 5.58 -28.69 14.11
C MSE B 112 4.87 -28.39 15.39
O MSE B 112 5.27 -27.47 16.15
CB MSE B 112 4.79 -28.04 12.96
CG MSE B 112 5.46 -28.28 11.62
SE MSE B 112 4.36 -27.43 10.14
CE MSE B 112 4.83 -26.01 10.58
N GLN B 113 3.78 -29.12 15.67
CA GLN B 113 3.10 -28.86 16.94
C GLN B 113 3.99 -29.11 18.14
N ALA B 114 4.79 -30.17 18.11
CA ALA B 114 5.78 -30.46 19.16
C ALA B 114 6.89 -29.40 19.31
N GLU B 115 7.41 -28.89 18.20
CA GLU B 115 8.53 -27.98 18.27
C GLU B 115 8.13 -26.53 18.37
N LEU B 116 6.95 -26.20 17.86
CA LEU B 116 6.53 -24.80 17.83
C LEU B 116 5.43 -24.48 18.82
N SER B 117 5.71 -24.74 20.10
CA SER B 117 4.71 -24.54 21.15
C SER B 117 4.27 -23.06 21.22
N GLY B 118 2.98 -22.83 21.31
CA GLY B 118 2.45 -21.49 21.36
C GLY B 118 2.33 -20.79 20.01
N ILE B 119 2.65 -21.47 18.92
CA ILE B 119 2.51 -20.83 17.60
C ILE B 119 1.25 -21.39 16.95
N THR B 120 0.38 -20.50 16.46
CA THR B 120 -0.73 -20.90 15.64
C THR B 120 -0.24 -21.29 14.22
N LEU B 121 -0.62 -22.48 13.79
CA LEU B 121 -0.14 -23.08 12.52
C LEU B 121 -1.28 -22.99 11.55
N LEU B 122 -1.06 -22.25 10.46
CA LEU B 122 -2.11 -21.98 9.48
C LEU B 122 -1.82 -22.57 8.11
N ALA B 123 -2.53 -23.64 7.76
CA ALA B 123 -2.34 -24.29 6.47
C ALA B 123 -2.82 -23.45 5.26
N GLN B 124 -1.95 -23.36 4.25
CA GLN B 124 -2.19 -22.69 2.99
C GLN B 124 -2.32 -23.67 1.84
N SER B 125 -3.26 -23.43 0.91
CA SER B 125 -3.31 -24.22 -0.33
C SER B 125 -2.54 -23.53 -1.48
N GLY B 126 -1.37 -24.04 -1.83
CA GLY B 126 -0.62 -23.50 -2.97
C GLY B 126 -0.25 -22.02 -2.83
N PHE B 127 0.17 -21.59 -1.64
CA PHE B 127 0.55 -20.17 -1.53
C PHE B 127 1.66 -19.70 -2.53
N VAL B 128 2.77 -20.45 -2.60
CA VAL B 128 3.88 -20.05 -3.45
C VAL B 128 3.52 -20.23 -4.93
N GLU B 129 2.80 -21.32 -5.21
CA GLU B 129 2.32 -21.67 -6.57
C GLU B 129 1.49 -20.51 -7.15
N HIS B 130 0.71 -19.85 -6.29
CA HIS B 130 -0.25 -18.83 -6.72
C HIS B 130 0.47 -17.54 -7.00
N LEU B 131 1.76 -17.45 -6.69
CA LEU B 131 2.55 -16.25 -7.05
C LEU B 131 2.88 -16.20 -8.55
N ARG B 132 2.78 -17.33 -9.23
CA ARG B 132 3.29 -17.43 -10.61
C ARG B 132 2.42 -16.68 -11.58
N MSE C 4 33.72 4.38 -12.02
CA MSE C 4 34.30 4.27 -10.64
C MSE C 4 33.61 5.10 -9.54
O MSE C 4 34.25 5.56 -8.61
CB MSE C 4 35.81 4.51 -10.68
CG MSE C 4 36.65 3.31 -11.19
SE MSE C 4 38.52 3.68 -10.89
CE MSE C 4 38.36 4.58 -9.24
N SER C 5 32.30 5.30 -9.65
CA SER C 5 31.52 5.91 -8.57
C SER C 5 31.16 4.82 -7.52
N GLY C 6 30.92 5.22 -6.26
CA GLY C 6 30.50 4.32 -5.19
C GLY C 6 29.15 3.64 -5.49
N PHE C 7 29.07 2.33 -5.21
CA PHE C 7 27.82 1.56 -5.32
C PHE C 7 26.63 2.25 -4.59
N LEU C 8 26.90 2.74 -3.38
CA LEU C 8 25.87 3.37 -2.54
C LEU C 8 25.45 4.75 -3.07
N GLU C 9 26.43 5.63 -3.32
CA GLU C 9 26.16 6.97 -3.90
C GLU C 9 25.41 6.91 -5.24
N GLN C 10 25.84 6.00 -6.13
CA GLN C 10 25.24 5.73 -7.44
C GLN C 10 23.73 5.37 -7.33
N ARG C 11 23.37 4.58 -6.31
CA ARG C 11 21.96 4.22 -6.02
C ARG C 11 21.11 5.47 -5.73
N LEU C 12 21.70 6.39 -4.95
CA LEU C 12 21.08 7.67 -4.64
C LEU C 12 21.03 8.62 -5.86
N GLY C 13 22.11 8.70 -6.64
CA GLY C 13 22.11 9.45 -7.92
C GLY C 13 20.98 8.98 -8.84
N HIS C 14 20.81 7.66 -8.94
CA HIS C 14 19.76 7.04 -9.73
C HIS C 14 18.35 7.38 -9.18
N CYS C 15 18.14 7.23 -7.87
CA CYS C 15 16.94 7.75 -7.25
C CYS C 15 16.60 9.19 -7.68
N LEU C 16 17.57 10.10 -7.51
CA LEU C 16 17.40 11.55 -7.79
C LEU C 16 17.10 11.81 -9.27
N ARG C 17 17.84 11.12 -10.14
CA ARG C 17 17.57 11.22 -11.59
C ARG C 17 16.14 10.77 -11.97
N GLN C 18 15.70 9.65 -11.38
CA GLN C 18 14.33 9.16 -11.56
C GLN C 18 13.32 10.24 -11.14
N MSE C 19 13.55 10.79 -9.93
CA MSE C 19 12.68 11.85 -9.38
C MSE C 19 12.61 13.08 -10.29
O MSE C 19 11.51 13.60 -10.55
CB MSE C 19 13.15 12.27 -7.98
CG MSE C 19 12.98 11.14 -6.97
SE MSE C 19 13.71 11.61 -5.22
CE MSE C 19 12.90 13.36 -4.98
N ALA C 20 13.79 13.51 -10.76
CA ALA C 20 13.93 14.65 -11.67
C ALA C 20 13.16 14.43 -13.00
N GLU C 21 13.27 13.22 -13.54
CA GLU C 21 12.58 12.86 -14.81
C GLU C 21 11.08 12.97 -14.62
N LYS C 22 10.62 12.50 -13.47
CA LYS C 22 9.23 12.48 -13.10
C LYS C 22 8.68 13.89 -12.63
N GLY C 23 9.57 14.82 -12.25
CA GLY C 23 9.15 16.10 -11.61
C GLY C 23 8.77 15.92 -10.14
N LEU C 24 9.15 14.77 -9.55
CA LEU C 24 8.80 14.50 -8.15
C LEU C 24 9.76 15.25 -7.24
N GLU C 25 9.28 16.24 -6.52
CA GLU C 25 10.19 17.07 -5.67
C GLU C 25 10.63 16.42 -4.38
N ALA C 26 9.87 15.46 -3.86
CA ALA C 26 10.22 14.89 -2.54
C ALA C 26 9.70 13.48 -2.44
N LEU C 27 10.44 12.60 -1.73
CA LEU C 27 10.11 11.15 -1.68
C LEU C 27 10.34 10.74 -0.26
N LEU C 28 9.31 10.21 0.39
CA LEU C 28 9.41 9.66 1.74
C LEU C 28 9.64 8.16 1.64
N VAL C 29 10.70 7.64 2.24
CA VAL C 29 11.00 6.19 2.17
C VAL C 29 11.00 5.66 3.59
N THR C 30 10.09 4.71 3.83
CA THR C 30 9.81 4.19 5.14
C THR C 30 10.11 2.67 5.21
N HIS C 31 10.03 1.96 4.07
CA HIS C 31 10.23 0.52 4.20
C HIS C 31 11.69 0.20 4.31
N LEU C 32 11.97 -0.62 5.32
CA LEU C 32 13.32 -0.99 5.71
C LEU C 32 14.31 -1.42 4.56
N THR C 33 13.87 -2.25 3.61
CA THR C 33 14.81 -2.72 2.56
C THR C 33 15.17 -1.60 1.60
N ASN C 34 14.17 -0.72 1.38
CA ASN C 34 14.32 0.50 0.57
C ASN C 34 15.19 1.59 1.20
N SER C 35 14.98 1.88 2.50
CA SER C 35 15.85 2.87 3.14
C SER C 35 17.27 2.32 3.28
N TYR C 36 17.40 1.02 3.54
CA TYR C 36 18.73 0.38 3.55
C TYR C 36 19.40 0.47 2.17
N TYR C 37 18.62 0.20 1.12
CA TYR C 37 19.09 0.31 -0.26
C TYR C 37 19.77 1.67 -0.52
N LEU C 38 19.16 2.74 0.01
CA LEU C 38 19.58 4.11 -0.32
C LEU C 38 20.62 4.67 0.65
N THR C 39 20.60 4.18 1.90
CA THR C 39 21.38 4.79 3.00
C THR C 39 22.47 3.90 3.53
N GLY C 40 22.28 2.58 3.40
CA GLY C 40 23.18 1.62 4.02
C GLY C 40 22.93 1.44 5.51
N PHE C 41 21.82 1.97 6.02
CA PHE C 41 21.54 1.88 7.45
C PHE C 41 20.60 0.71 7.75
N SER C 42 20.93 -0.07 8.79
CA SER C 42 20.20 -1.30 9.21
C SER C 42 18.97 -1.05 10.07
N GLY C 43 19.20 -0.32 11.18
CA GLY C 43 18.18 0.02 12.20
C GLY C 43 16.71 -0.08 11.82
N THR C 44 15.95 -0.75 12.67
CA THR C 44 14.53 -1.01 12.37
C THR C 44 13.67 0.27 12.32
N ALA C 45 14.12 1.36 12.94
CA ALA C 45 13.40 2.62 12.78
C ALA C 45 14.17 3.67 11.94
N ALA C 46 13.71 3.93 10.72
CA ALA C 46 14.31 4.97 9.87
C ALA C 46 13.33 5.55 8.88
N THR C 47 13.11 6.86 8.95
CA THR C 47 12.28 7.58 7.94
C THR C 47 13.20 8.44 7.09
N VAL C 48 13.26 8.18 5.80
CA VAL C 48 14.18 8.90 4.90
C VAL C 48 13.33 9.85 4.09
N LEU C 49 13.75 11.11 4.03
CA LEU C 49 13.17 12.10 3.13
C LEU C 49 14.28 12.49 2.17
N ILE C 50 13.99 12.35 0.89
CA ILE C 50 14.94 12.81 -0.16
C ILE C 50 14.31 13.89 -1.02
N THR C 51 14.98 15.03 -1.18
CA THR C 51 14.63 16.00 -2.24
C THR C 51 15.88 16.24 -3.10
N ALA C 52 15.77 17.05 -4.17
CA ALA C 52 16.99 17.54 -4.91
C ALA C 52 18.04 18.13 -3.98
N LYS C 53 17.58 18.73 -2.91
CA LYS C 53 18.44 19.52 -2.03
C LYS C 53 18.78 18.87 -0.69
N ARG C 54 17.88 18.03 -0.15
CA ARG C 54 18.08 17.45 1.18
C ARG C 54 18.08 15.95 1.14
N ARG C 55 18.90 15.37 1.99
CA ARG C 55 18.91 13.93 2.17
C ARG C 55 18.94 13.71 3.64
N VAL C 56 17.80 13.28 4.18
CA VAL C 56 17.58 13.29 5.60
C VAL C 56 17.23 11.88 6.08
N LEU C 57 17.87 11.48 7.18
CA LEU C 57 17.56 10.22 7.85
C LEU C 57 17.10 10.53 9.29
N ILE C 58 15.85 10.26 9.57
CA ILE C 58 15.20 10.52 10.84
C ILE C 58 15.09 9.17 11.58
N THR C 59 15.58 9.13 12.82
CA THR C 59 15.55 7.87 13.56
C THR C 59 15.24 8.21 15.00
N ASP C 60 14.99 7.22 15.81
CA ASP C 60 14.76 7.52 17.21
C ASP C 60 16.06 7.42 18.02
N SER C 61 15.91 7.63 19.32
CA SER C 61 16.94 7.46 20.34
C SER C 61 17.92 6.29 20.24
N ARG C 62 17.40 5.06 20.16
CA ARG C 62 18.23 3.80 20.14
C ARG C 62 19.41 3.82 19.12
N TYR C 63 19.22 4.58 18.04
CA TYR C 63 20.02 4.48 16.83
C TYR C 63 20.69 5.76 16.35
N THR C 64 20.41 6.90 16.99
CA THR C 64 20.98 8.20 16.58
C THR C 64 22.54 8.17 16.52
N LEU C 65 23.18 7.78 17.63
CA LEU C 65 24.65 7.59 17.63
C LEU C 65 25.13 6.68 16.49
N LEU C 66 24.55 5.50 16.38
CA LEU C 66 24.93 4.54 15.35
C LEU C 66 24.90 5.19 13.95
N ALA C 67 23.75 5.78 13.61
CA ALA C 67 23.56 6.48 12.33
C ALA C 67 24.65 7.52 12.12
N LYS C 68 24.84 8.37 13.13
CA LYS C 68 25.75 9.50 13.01
C LYS C 68 27.18 9.03 12.77
N ALA C 69 27.53 7.88 13.34
CA ALA C 69 28.88 7.29 13.20
C ALA C 69 29.04 6.32 12.02
N SER C 70 28.05 6.25 11.12
CA SER C 70 28.09 5.30 10.00
C SER C 70 27.52 5.79 8.67
N VAL C 71 26.45 6.60 8.72
CA VAL C 71 25.72 6.99 7.52
C VAL C 71 26.31 8.29 6.95
N GLU C 72 26.97 8.18 5.81
CA GLU C 72 27.56 9.36 5.21
C GLU C 72 26.59 9.97 4.21
N GLY C 73 26.64 11.29 4.08
CA GLY C 73 25.79 11.96 3.06
C GLY C 73 24.28 12.04 3.33
N PHE C 74 23.86 11.76 4.56
CA PHE C 74 22.50 12.05 5.01
C PHE C 74 22.62 12.85 6.29
N ASP C 75 21.82 13.90 6.41
CA ASP C 75 21.69 14.59 7.66
C ASP C 75 20.87 13.69 8.56
N ILE C 76 21.33 13.51 9.77
CA ILE C 76 20.68 12.65 10.74
C ILE C 76 19.83 13.48 11.72
N ILE C 77 18.60 13.07 11.99
CA ILE C 77 17.75 13.83 12.88
C ILE C 77 17.13 12.87 13.89
N GLU C 78 17.39 13.08 15.20
CA GLU C 78 16.67 12.30 16.23
C GLU C 78 15.30 12.87 16.51
N SER C 79 14.27 12.05 16.40
CA SER C 79 12.93 12.53 16.68
C SER C 79 12.00 11.39 16.84
N ARG C 80 11.03 11.52 17.74
CA ARG C 80 10.03 10.46 17.85
C ARG C 80 8.72 10.81 17.17
N THR C 81 8.72 11.89 16.38
CA THR C 81 7.52 12.25 15.59
C THR C 81 8.10 12.62 14.23
N PRO C 82 8.56 11.60 13.47
CA PRO C 82 9.28 11.87 12.25
C PRO C 82 8.42 12.55 11.19
N LEU C 83 7.11 12.34 11.23
CA LEU C 83 6.21 13.00 10.28
C LEU C 83 6.04 14.53 10.49
N LYS C 84 6.24 14.99 11.73
CA LYS C 84 6.24 16.43 12.03
C LYS C 84 7.51 17.08 11.50
N VAL C 85 8.61 16.33 11.61
CA VAL C 85 9.89 16.76 11.02
C VAL C 85 9.80 16.87 9.50
N VAL C 86 9.21 15.85 8.87
CA VAL C 86 8.91 15.93 7.44
C VAL C 86 8.08 17.14 7.08
N ALA C 87 7.00 17.37 7.82
CA ALA C 87 6.12 18.54 7.57
C ALA C 87 6.91 19.84 7.65
N GLU C 88 7.76 19.96 8.68
CA GLU C 88 8.62 21.16 8.80
C GLU C 88 9.55 21.32 7.63
N LEU C 89 10.14 20.22 7.16
CA LEU C 89 11.06 20.35 6.01
C LEU C 89 10.35 20.79 4.74
N LEU C 90 9.18 20.20 4.48
CA LEU C 90 8.44 20.54 3.24
C LEU C 90 7.99 22.00 3.33
N GLU C 91 7.67 22.45 4.53
CA GLU C 91 7.16 23.81 4.69
C GLU C 91 8.33 24.79 4.46
N ALA C 92 9.45 24.49 5.12
CA ALA C 92 10.68 25.29 4.98
C ALA C 92 11.20 25.40 3.53
N ASP C 93 11.08 24.30 2.77
CA ASP C 93 11.63 24.19 1.43
C ASP C 93 10.61 24.52 0.38
N GLN C 94 9.40 24.92 0.81
CA GLN C 94 8.29 25.22 -0.09
C GLN C 94 7.92 24.11 -1.05
N ILE C 95 7.93 22.88 -0.54
CA ILE C 95 7.55 21.73 -1.38
C ILE C 95 6.07 21.39 -1.10
N ASP C 96 5.25 21.23 -2.16
CA ASP C 96 3.78 21.06 -2.03
C ASP C 96 3.34 19.62 -2.30
N CYS C 97 4.25 18.77 -2.80
CA CYS C 97 3.94 17.41 -3.18
C CYS C 97 4.91 16.44 -2.48
N LEU C 98 4.42 15.30 -2.08
CA LEU C 98 5.27 14.29 -1.45
C LEU C 98 4.94 12.91 -1.98
N GLY C 99 5.94 12.26 -2.57
CA GLY C 99 5.85 10.84 -2.94
C GLY C 99 6.05 9.96 -1.72
N PHE C 100 5.30 8.86 -1.66
CA PHE C 100 5.44 7.90 -0.58
C PHE C 100 5.12 6.49 -1.14
N GLU C 101 5.38 5.46 -0.35
CA GLU C 101 5.34 4.07 -0.85
C GLU C 101 3.93 3.60 -0.72
N ASP C 102 3.40 3.00 -1.79
CA ASP C 102 2.01 2.49 -1.65
C ASP C 102 1.87 1.33 -0.67
N GLN C 103 2.97 0.74 -0.27
CA GLN C 103 2.94 -0.37 0.70
C GLN C 103 2.85 0.09 2.15
N VAL C 104 2.86 1.41 2.41
CA VAL C 104 2.68 1.84 3.80
C VAL C 104 1.28 1.39 4.29
N SER C 105 1.14 1.22 5.59
CA SER C 105 -0.19 0.86 6.14
C SER C 105 -1.09 2.05 6.08
N PHE C 106 -2.40 1.78 6.05
CA PHE C 106 -3.34 2.85 6.01
C PHE C 106 -3.19 3.73 7.27
N SER C 107 -2.99 3.10 8.44
CA SER C 107 -2.78 3.89 9.65
C SER C 107 -1.62 4.93 9.45
N PHE C 108 -0.58 4.53 8.74
CA PHE C 108 0.59 5.41 8.57
C PHE C 108 0.19 6.54 7.61
N TYR C 109 -0.56 6.19 6.56
CA TYR C 109 -1.19 7.18 5.72
C TYR C 109 -2.06 8.21 6.52
N GLN C 110 -2.88 7.75 7.46
CA GLN C 110 -3.68 8.70 8.29
C GLN C 110 -2.75 9.61 9.09
N ALA C 111 -1.67 9.03 9.62
CA ALA C 111 -0.69 9.86 10.36
C ALA C 111 -0.05 10.91 9.44
N MSE C 112 0.26 10.52 8.20
CA MSE C 112 0.74 11.45 7.22
C MSE C 112 -0.23 12.58 6.90
O MSE C 112 0.15 13.73 7.02
CB MSE C 112 1.17 10.75 5.89
CG MSE C 112 2.26 9.74 6.00
SE MSE C 112 2.37 8.89 4.14
CE MSE C 112 3.04 10.42 3.37
N GLN C 113 -1.51 12.29 6.61
CA GLN C 113 -2.48 13.32 6.38
C GLN C 113 -2.71 14.22 7.60
N ALA C 114 -2.62 13.65 8.81
CA ALA C 114 -2.76 14.46 10.03
C ALA C 114 -1.66 15.51 10.07
N GLU C 115 -0.46 15.13 9.69
CA GLU C 115 0.66 16.10 9.84
C GLU C 115 0.97 16.92 8.62
N LEU C 116 0.53 16.47 7.45
CA LEU C 116 0.94 17.14 6.22
C LEU C 116 -0.24 17.86 5.58
N SER C 117 -0.99 18.67 6.34
CA SER C 117 -2.16 19.30 5.69
C SER C 117 -1.68 20.29 4.64
N GLY C 118 -2.45 20.41 3.57
CA GLY C 118 -1.98 21.20 2.45
C GLY C 118 -1.06 20.49 1.46
N ILE C 119 -0.50 19.33 1.79
CA ILE C 119 0.52 18.73 0.91
C ILE C 119 -0.21 17.70 0.09
N THR C 120 0.08 17.69 -1.21
CA THR C 120 -0.48 16.70 -2.12
C THR C 120 0.36 15.42 -1.98
N LEU C 121 -0.25 14.34 -1.49
CA LEU C 121 0.42 13.06 -1.31
C LEU C 121 0.25 12.22 -2.59
N LEU C 122 1.35 11.63 -3.06
CA LEU C 122 1.42 10.82 -4.32
C LEU C 122 1.93 9.41 -4.08
N ALA C 123 1.01 8.44 -3.99
CA ALA C 123 1.44 7.04 -3.72
C ALA C 123 2.30 6.54 -4.88
N GLN C 124 3.39 5.85 -4.58
CA GLN C 124 4.29 5.36 -5.64
C GLN C 124 4.26 3.85 -5.59
N SER C 125 4.27 3.18 -6.74
CA SER C 125 4.28 1.74 -6.68
C SER C 125 5.64 1.22 -7.08
N GLY C 126 6.29 0.53 -6.15
CA GLY C 126 7.64 0.00 -6.33
C GLY C 126 8.74 1.01 -6.70
N PHE C 127 8.65 2.25 -6.22
CA PHE C 127 9.61 3.31 -6.66
C PHE C 127 11.10 2.94 -6.48
N VAL C 128 11.51 2.63 -5.25
CA VAL C 128 12.93 2.28 -4.99
C VAL C 128 13.25 0.86 -5.52
N GLU C 129 12.25 -0.02 -5.44
CA GLU C 129 12.31 -1.41 -6.00
C GLU C 129 12.75 -1.43 -7.46
N HIS C 130 12.24 -0.47 -8.22
CA HIS C 130 12.48 -0.39 -9.65
C HIS C 130 13.79 0.30 -10.01
N LEU C 131 14.55 0.72 -8.98
CA LEU C 131 15.87 1.28 -9.17
C LEU C 131 16.93 0.20 -9.38
N ARG C 132 16.71 -0.96 -8.73
CA ARG C 132 17.70 -2.04 -8.71
C ARG C 132 17.44 -2.99 -9.86
N MSE D 4 -19.31 34.20 -1.54
CA MSE D 4 -19.87 33.47 -2.73
C MSE D 4 -19.39 32.03 -2.82
O MSE D 4 -19.41 31.41 -3.89
CB MSE D 4 -19.53 34.23 -4.01
CG MSE D 4 -20.74 34.32 -4.91
SE MSE D 4 -20.26 34.77 -6.74
CE MSE D 4 -19.02 33.26 -7.07
N SER D 5 -18.95 31.51 -1.68
CA SER D 5 -18.63 30.10 -1.46
C SER D 5 -19.85 29.19 -1.74
N GLY D 6 -21.05 29.72 -1.48
CA GLY D 6 -22.30 29.02 -1.77
C GLY D 6 -22.31 28.56 -3.23
N PHE D 7 -22.20 29.53 -4.16
CA PHE D 7 -22.24 29.16 -5.57
C PHE D 7 -21.04 28.26 -5.96
N LEU D 8 -19.86 28.58 -5.46
CA LEU D 8 -18.66 27.78 -5.83
C LEU D 8 -18.85 26.31 -5.44
N GLU D 9 -19.43 26.07 -4.27
CA GLU D 9 -19.55 24.69 -3.80
C GLU D 9 -20.57 23.98 -4.68
N GLN D 10 -21.65 24.67 -5.01
CA GLN D 10 -22.64 24.11 -5.93
C GLN D 10 -22.07 23.82 -7.36
N ARG D 11 -21.27 24.75 -7.87
CA ARG D 11 -20.72 24.59 -9.24
C ARG D 11 -19.81 23.40 -9.30
N LEU D 12 -18.93 23.31 -8.31
CA LEU D 12 -18.02 22.17 -8.20
C LEU D 12 -18.82 20.88 -8.01
N GLY D 13 -19.84 20.94 -7.13
CA GLY D 13 -20.78 19.82 -6.97
C GLY D 13 -21.32 19.41 -8.31
N HIS D 14 -21.78 20.38 -9.11
CA HIS D 14 -22.38 20.09 -10.43
C HIS D 14 -21.35 19.46 -11.39
N CYS D 15 -20.16 20.08 -11.38
CA CYS D 15 -19.06 19.62 -12.24
C CYS D 15 -18.80 18.12 -11.98
N LEU D 16 -18.70 17.76 -10.72
CA LEU D 16 -18.38 16.39 -10.32
C LEU D 16 -19.55 15.46 -10.71
N ARG D 17 -20.80 15.90 -10.51
CA ARG D 17 -21.93 15.05 -10.93
C ARG D 17 -21.91 14.86 -12.44
N GLN D 18 -21.66 15.92 -13.22
CA GLN D 18 -21.60 15.75 -14.65
C GLN D 18 -20.47 14.75 -15.10
N MSE D 19 -19.30 14.85 -14.48
CA MSE D 19 -18.19 13.91 -14.77
C MSE D 19 -18.62 12.49 -14.47
O MSE D 19 -18.43 11.58 -15.29
CB MSE D 19 -16.98 14.28 -13.88
CG MSE D 19 -16.25 15.55 -14.44
SE MSE D 19 -14.93 16.16 -13.17
CE MSE D 19 -13.69 14.68 -13.28
N ALA D 20 -19.17 12.29 -13.28
CA ALA D 20 -19.55 10.94 -12.83
C ALA D 20 -20.65 10.31 -13.72
N GLU D 21 -21.57 11.12 -14.26
CA GLU D 21 -22.58 10.62 -15.22
C GLU D 21 -22.00 10.17 -16.57
N LYS D 22 -21.02 10.91 -17.06
CA LYS D 22 -20.33 10.55 -18.33
C LYS D 22 -19.24 9.46 -18.12
N GLY D 23 -18.83 9.22 -16.90
CA GLY D 23 -17.78 8.26 -16.65
C GLY D 23 -16.40 8.88 -16.74
N LEU D 24 -16.32 10.22 -16.74
CA LEU D 24 -15.05 10.95 -16.91
C LEU D 24 -14.32 10.96 -15.58
N GLU D 25 -13.13 10.35 -15.57
CA GLU D 25 -12.42 10.13 -14.33
C GLU D 25 -11.59 11.36 -13.88
N ALA D 26 -11.20 12.18 -14.86
CA ALA D 26 -10.36 13.31 -14.55
C ALA D 26 -10.57 14.37 -15.62
N LEU D 27 -10.52 15.63 -15.17
CA LEU D 27 -10.76 16.79 -16.08
C LEU D 27 -9.67 17.82 -15.82
N LEU D 28 -9.01 18.26 -16.89
CA LEU D 28 -8.02 19.33 -16.86
C LEU D 28 -8.66 20.65 -17.35
N VAL D 29 -8.66 21.66 -16.50
CA VAL D 29 -9.21 22.98 -16.83
C VAL D 29 -8.07 23.99 -16.84
N THR D 30 -7.85 24.63 -17.98
CA THR D 30 -6.64 25.50 -18.11
C THR D 30 -7.01 26.87 -18.64
N HIS D 31 -8.31 27.14 -18.84
CA HIS D 31 -8.77 28.50 -19.31
C HIS D 31 -9.34 29.30 -18.16
N LEU D 32 -8.72 30.47 -17.95
CA LEU D 32 -9.05 31.38 -16.85
C LEU D 32 -10.59 31.50 -16.60
N THR D 33 -11.42 31.72 -17.64
CA THR D 33 -12.88 31.85 -17.36
C THR D 33 -13.45 30.68 -16.60
N ASN D 34 -12.96 29.48 -16.93
CA ASN D 34 -13.53 28.26 -16.39
C ASN D 34 -12.93 27.92 -15.03
N SER D 35 -11.62 28.10 -14.84
CA SER D 35 -11.01 27.88 -13.53
C SER D 35 -11.57 28.93 -12.53
N TYR D 36 -11.81 30.14 -13.01
CA TYR D 36 -12.50 31.14 -12.19
C TYR D 36 -13.92 30.71 -11.78
N TYR D 37 -14.69 30.19 -12.72
CA TYR D 37 -16.09 29.80 -12.45
C TYR D 37 -16.09 28.73 -11.37
N LEU D 38 -15.12 27.82 -11.45
CA LEU D 38 -15.06 26.68 -10.54
C LEU D 38 -14.44 26.96 -9.20
N THR D 39 -13.47 27.88 -9.17
CA THR D 39 -12.68 28.06 -7.96
C THR D 39 -12.71 29.45 -7.33
N GLY D 40 -13.19 30.47 -8.06
CA GLY D 40 -13.05 31.89 -7.59
C GLY D 40 -11.64 32.49 -7.70
N PHE D 41 -10.68 31.72 -8.20
CA PHE D 41 -9.30 32.21 -8.35
C PHE D 41 -9.13 33.17 -9.54
N SER D 42 -8.34 34.25 -9.40
CA SER D 42 -8.14 35.23 -10.52
C SER D 42 -6.98 35.14 -11.56
N GLY D 43 -5.75 34.81 -11.16
CA GLY D 43 -4.62 34.81 -12.12
C GLY D 43 -4.70 33.84 -13.30
N THR D 44 -4.00 34.16 -14.39
CA THR D 44 -4.02 33.27 -15.56
C THR D 44 -2.99 32.14 -15.50
N ALA D 45 -2.10 32.17 -14.51
CA ALA D 45 -1.40 30.93 -14.24
C ALA D 45 -2.34 30.10 -13.35
N ALA D 46 -3.25 29.34 -13.96
CA ALA D 46 -3.76 28.20 -13.20
C ALA D 46 -4.13 27.02 -14.07
N THR D 47 -3.64 25.86 -13.65
CA THR D 47 -3.99 24.60 -14.23
C THR D 47 -4.76 23.85 -13.16
N VAL D 48 -6.02 23.55 -13.45
CA VAL D 48 -6.90 22.87 -12.46
C VAL D 48 -7.07 21.38 -12.85
N LEU D 49 -6.89 20.49 -11.89
CA LEU D 49 -7.23 19.11 -12.10
C LEU D 49 -8.33 18.63 -11.17
N ILE D 50 -9.41 18.09 -11.73
CA ILE D 50 -10.50 17.63 -10.91
C ILE D 50 -10.69 16.15 -11.11
N THR D 51 -10.73 15.39 -10.01
CA THR D 51 -11.19 14.00 -10.04
C THR D 51 -12.22 13.82 -8.92
N ALA D 52 -12.84 12.64 -8.89
CA ALA D 52 -13.72 12.20 -7.78
C ALA D 52 -13.08 12.37 -6.39
N LYS D 53 -11.76 12.24 -6.32
CA LYS D 53 -11.00 12.27 -5.06
C LYS D 53 -10.09 13.48 -4.88
N ARG D 54 -9.73 14.16 -5.96
CA ARG D 54 -8.67 15.20 -5.93
C ARG D 54 -9.20 16.49 -6.53
N ARG D 55 -8.91 17.63 -5.89
CA ARG D 55 -9.16 18.95 -6.48
C ARG D 55 -7.86 19.70 -6.29
N VAL D 56 -7.20 19.97 -7.38
CA VAL D 56 -5.85 20.52 -7.35
C VAL D 56 -5.87 21.77 -8.18
N LEU D 57 -5.28 22.84 -7.66
CA LEU D 57 -5.00 24.04 -8.49
C LEU D 57 -3.51 24.31 -8.57
N ILE D 58 -2.94 24.31 -9.80
CA ILE D 58 -1.47 24.42 -9.94
C ILE D 58 -1.21 25.81 -10.46
N THR D 59 -0.34 26.55 -9.78
CA THR D 59 -0.05 27.93 -10.24
C THR D 59 1.40 28.26 -9.98
N ASP D 60 1.88 29.42 -10.42
CA ASP D 60 3.28 29.71 -10.08
C ASP D 60 3.46 30.62 -8.83
N SER D 61 4.73 30.82 -8.42
CA SER D 61 5.04 31.43 -7.13
C SER D 61 4.62 32.89 -7.00
N ARG D 62 4.24 33.50 -8.13
CA ARG D 62 3.63 34.82 -8.08
C ARG D 62 2.25 34.74 -7.39
N TYR D 63 1.62 33.56 -7.41
CA TYR D 63 0.22 33.40 -6.99
C TYR D 63 -0.01 32.45 -5.85
N THR D 64 1.00 31.65 -5.52
CA THR D 64 0.86 30.67 -4.45
C THR D 64 0.28 31.19 -3.11
N LEU D 65 0.86 32.23 -2.49
CA LEU D 65 0.25 32.86 -1.28
C LEU D 65 -1.26 33.16 -1.43
N LEU D 66 -1.61 33.92 -2.46
CA LEU D 66 -3.00 34.32 -2.75
C LEU D 66 -4.00 33.13 -2.81
N ALA D 67 -3.70 32.18 -3.71
CA ALA D 67 -4.55 31.02 -3.90
C ALA D 67 -4.74 30.27 -2.57
N LYS D 68 -3.64 30.10 -1.83
CA LYS D 68 -3.63 29.36 -0.55
C LYS D 68 -4.51 30.06 0.49
N ALA D 69 -4.52 31.39 0.46
CA ALA D 69 -5.35 32.22 1.34
C ALA D 69 -6.84 32.28 0.94
N SER D 70 -7.16 32.09 -0.34
CA SER D 70 -8.53 32.42 -0.83
C SER D 70 -9.24 31.44 -1.78
N VAL D 71 -8.74 30.20 -1.92
CA VAL D 71 -9.46 29.19 -2.71
C VAL D 71 -9.88 28.09 -1.77
N GLU D 72 -11.18 27.85 -1.63
CA GLU D 72 -11.60 26.84 -0.66
C GLU D 72 -11.75 25.48 -1.29
N GLY D 73 -11.23 24.47 -0.62
CA GLY D 73 -11.42 23.09 -1.06
C GLY D 73 -10.66 22.62 -2.30
N PHE D 74 -9.60 23.31 -2.68
CA PHE D 74 -8.63 22.81 -3.68
C PHE D 74 -7.34 22.81 -2.96
N ASP D 75 -6.53 21.79 -3.18
CA ASP D 75 -5.16 21.88 -2.71
C ASP D 75 -4.33 22.63 -3.73
N ILE D 76 -3.38 23.41 -3.25
CA ILE D 76 -2.66 24.37 -4.13
C ILE D 76 -1.25 23.83 -4.30
N ILE D 77 -0.76 23.83 -5.54
CA ILE D 77 0.56 23.29 -5.84
C ILE D 77 1.28 24.39 -6.61
N GLU D 78 2.45 24.80 -6.13
CA GLU D 78 3.23 25.79 -6.84
C GLU D 78 4.12 25.07 -7.81
N SER D 79 4.06 25.36 -9.09
CA SER D 79 4.96 24.62 -10.02
C SER D 79 4.96 25.32 -11.34
N ARG D 80 6.12 25.29 -12.03
CA ARG D 80 6.10 25.91 -13.36
C ARG D 80 6.07 24.85 -14.46
N THR D 81 5.88 23.59 -14.07
CA THR D 81 5.74 22.42 -14.99
C THR D 81 4.43 21.71 -14.63
N PRO D 82 3.29 22.36 -14.90
CA PRO D 82 2.07 21.78 -14.36
C PRO D 82 1.72 20.45 -15.04
N LEU D 83 2.13 20.26 -16.27
CA LEU D 83 1.85 18.98 -16.91
C LEU D 83 2.63 17.80 -16.26
N LYS D 84 3.84 18.04 -15.72
CA LYS D 84 4.53 16.94 -14.96
C LYS D 84 3.78 16.62 -13.69
N VAL D 85 3.22 17.63 -13.06
CA VAL D 85 2.42 17.39 -11.84
C VAL D 85 1.17 16.57 -12.19
N VAL D 86 0.47 17.01 -13.24
CA VAL D 86 -0.69 16.21 -13.71
C VAL D 86 -0.29 14.73 -13.95
N ALA D 87 0.79 14.52 -14.67
CA ALA D 87 1.23 13.16 -14.94
C ALA D 87 1.43 12.35 -13.63
N GLU D 88 2.00 12.97 -12.60
CA GLU D 88 2.28 12.26 -11.34
C GLU D 88 0.98 11.93 -10.61
N LEU D 89 0.04 12.87 -10.62
CA LEU D 89 -1.29 12.72 -10.03
C LEU D 89 -2.03 11.56 -10.71
N LEU D 90 -2.03 11.49 -12.04
CA LEU D 90 -2.77 10.45 -12.72
C LEU D 90 -2.07 9.11 -12.44
N GLU D 91 -0.73 9.11 -12.45
CA GLU D 91 0.00 7.84 -12.12
C GLU D 91 -0.36 7.33 -10.70
N ALA D 92 -0.24 8.25 -9.73
CA ALA D 92 -0.50 7.97 -8.31
C ALA D 92 -1.91 7.45 -8.08
N ASP D 93 -2.87 8.00 -8.83
CA ASP D 93 -4.28 7.63 -8.66
C ASP D 93 -4.78 6.56 -9.57
N GLN D 94 -3.92 6.05 -10.46
CA GLN D 94 -4.24 5.00 -11.44
C GLN D 94 -5.37 5.41 -12.37
N ILE D 95 -5.31 6.66 -12.82
CA ILE D 95 -6.26 7.17 -13.82
C ILE D 95 -5.59 7.13 -15.20
N ASP D 96 -6.30 6.51 -16.14
CA ASP D 96 -5.84 6.24 -17.49
C ASP D 96 -6.34 7.18 -18.55
N CYS D 97 -7.29 8.01 -18.20
CA CYS D 97 -7.99 8.87 -19.17
C CYS D 97 -8.15 10.26 -18.57
N LEU D 98 -7.86 11.31 -19.37
CA LEU D 98 -7.92 12.67 -18.92
C LEU D 98 -8.75 13.47 -19.94
N GLY D 99 -9.83 14.07 -19.46
CA GLY D 99 -10.58 15.06 -20.29
C GLY D 99 -9.83 16.38 -20.21
N PHE D 100 -9.85 17.11 -21.30
CA PHE D 100 -9.19 18.38 -21.38
C PHE D 100 -10.08 19.31 -22.26
N GLU D 101 -9.90 20.62 -22.12
CA GLU D 101 -10.74 21.59 -22.87
C GLU D 101 -10.35 21.62 -24.35
N ASP D 102 -11.31 21.59 -25.27
CA ASP D 102 -10.91 21.53 -26.70
C ASP D 102 -10.49 22.93 -27.18
N GLN D 103 -10.52 23.94 -26.30
CA GLN D 103 -9.98 25.25 -26.66
C GLN D 103 -8.48 25.41 -26.33
N VAL D 104 -7.84 24.38 -25.80
CA VAL D 104 -6.34 24.46 -25.66
C VAL D 104 -5.75 24.61 -27.07
N SER D 105 -4.54 25.15 -27.17
CA SER D 105 -3.84 25.25 -28.47
C SER D 105 -3.32 23.86 -28.88
N PHE D 106 -3.14 23.65 -30.17
CA PHE D 106 -2.56 22.41 -30.67
C PHE D 106 -1.17 22.16 -30.08
N SER D 107 -0.35 23.21 -29.92
CA SER D 107 0.95 23.00 -29.33
C SER D 107 0.82 22.58 -27.89
N PHE D 108 -0.17 23.10 -27.18
CA PHE D 108 -0.43 22.61 -25.79
C PHE D 108 -0.81 21.13 -25.74
N TYR D 109 -1.74 20.74 -26.62
CA TYR D 109 -2.07 19.33 -26.85
C TYR D 109 -0.80 18.51 -27.15
N GLN D 110 0.03 18.93 -28.09
CA GLN D 110 1.27 18.21 -28.39
C GLN D 110 2.12 18.00 -27.11
N ALA D 111 2.19 19.03 -26.28
CA ALA D 111 3.00 18.97 -25.09
C ALA D 111 2.37 18.02 -24.09
N MSE D 112 1.04 18.06 -23.99
CA MSE D 112 0.31 17.17 -23.11
C MSE D 112 0.51 15.72 -23.52
O MSE D 112 0.82 14.85 -22.70
CB MSE D 112 -1.20 17.58 -23.09
CG MSE D 112 -2.09 16.64 -22.37
SE MSE D 112 -3.77 17.68 -22.02
CE MSE D 112 -3.91 18.66 -23.56
N GLN D 113 0.35 15.45 -24.80
CA GLN D 113 0.44 14.07 -25.36
C GLN D 113 1.84 13.50 -25.07
N ALA D 114 2.87 14.32 -25.28
CA ALA D 114 4.25 13.91 -25.07
C ALA D 114 4.66 13.69 -23.59
N GLU D 115 4.16 14.55 -22.70
CA GLU D 115 4.36 14.36 -21.28
C GLU D 115 3.56 13.19 -20.70
N LEU D 116 2.26 13.14 -21.02
CA LEU D 116 1.30 12.16 -20.45
C LEU D 116 1.35 10.80 -21.16
N SER D 117 2.57 10.24 -21.27
CA SER D 117 2.68 8.96 -21.96
C SER D 117 1.74 7.93 -21.32
N GLY D 118 1.13 7.12 -22.17
CA GLY D 118 0.21 6.13 -21.71
C GLY D 118 -1.19 6.64 -21.42
N ILE D 119 -1.43 7.97 -21.34
CA ILE D 119 -2.76 8.49 -20.95
C ILE D 119 -3.63 8.69 -22.18
N THR D 120 -4.86 8.20 -22.07
CA THR D 120 -5.85 8.44 -23.13
C THR D 120 -6.45 9.83 -22.91
N LEU D 121 -6.23 10.71 -23.87
CA LEU D 121 -6.77 12.08 -23.76
C LEU D 121 -8.11 12.24 -24.50
N LEU D 122 -9.01 12.99 -23.86
CA LEU D 122 -10.39 13.10 -24.30
C LEU D 122 -10.80 14.57 -24.41
N ALA D 123 -10.75 15.12 -25.61
CA ALA D 123 -11.14 16.54 -25.81
C ALA D 123 -12.60 16.73 -25.40
N GLN D 124 -12.87 17.77 -24.61
CA GLN D 124 -14.25 18.11 -24.15
C GLN D 124 -14.68 19.40 -24.85
N SER D 125 -15.92 19.46 -25.32
CA SER D 125 -16.41 20.67 -25.95
C SER D 125 -17.28 21.45 -24.96
N GLY D 126 -16.75 22.55 -24.40
CA GLY D 126 -17.52 23.39 -23.47
C GLY D 126 -17.91 22.70 -22.19
N PHE D 127 -17.04 21.86 -21.63
CA PHE D 127 -17.48 21.06 -20.46
C PHE D 127 -17.94 21.99 -19.33
N VAL D 128 -17.09 22.93 -18.99
CA VAL D 128 -17.37 23.84 -17.89
C VAL D 128 -18.48 24.87 -18.28
N GLU D 129 -18.38 25.42 -19.50
CA GLU D 129 -19.36 26.38 -20.01
C GLU D 129 -20.77 25.81 -19.96
N HIS D 130 -20.89 24.50 -20.19
CA HIS D 130 -22.21 23.84 -20.19
C HIS D 130 -22.82 23.68 -18.77
N LEU D 131 -22.00 23.87 -17.74
CA LEU D 131 -22.50 23.81 -16.37
C LEU D 131 -23.45 24.98 -15.99
N ARG D 132 -23.41 26.11 -16.71
CA ARG D 132 -24.31 27.24 -16.38
C ARG D 132 -25.71 26.88 -16.79
#